data_9G97
#
_entry.id   9G97
#
_cell.length_a   270.550
_cell.length_b   38.470
_cell.length_c   56.830
_cell.angle_alpha   90.00
_cell.angle_beta   93.50
_cell.angle_gamma   90.00
#
_symmetry.space_group_name_H-M   'C 1 2 1'
#
loop_
_entity.id
_entity.type
_entity.pdbx_description
1 polymer 'Lipid III flippase'
2 polymer 'NB10 Nanobody'
3 non-polymer '[(Z)-octadec-9-enyl] (2R)-2,3-bis(oxidanyl)propanoate'
4 non-polymer '(1R)-2-{[(R)-(2-AMINOETHOXY)(HYDROXY)PHOSPHORYL]OXY}-1-[(DODECANOYLOXY)METHYL]ETHYL (9Z)-OCTADEC-9-ENOATE'
5 non-polymer N-OCTANE
6 non-polymer 'CHLORIDE ION'
7 non-polymer 'SULFATE ION'
8 non-polymer 'ZINC ION'
9 water water
#
loop_
_entity_poly.entity_id
_entity_poly.type
_entity_poly.pdbx_seq_one_letter_code
_entity_poly.pdbx_strand_id
1 'polypeptide(L)'
;MVSLAKASLWTAASTLVKIGAGLLVGKLLAVSFGPAGLGLAANFRQLITVLGVLAGAGIFNGVTKYVAQYHDNPQQLRRV
VGTSSAMVLGFSTLMALVFVLAAAPISQGLFGNTDYQGLVRLVALVQMGIAWGNLLLALMKGFRDAAGNALSLIVGSLIG
VLAYYVSYRLGGYEGALLGLALIPALVVIPAAIMLIKRGVIPLSYLKPSWDNGLAGQLSKFTLMALITSVTLPVAYIMMR
KLLAAQYSWDEVGIWQGVSSISDAYLQFITASFSVYLLPTLSRLTEKRDITREVVKSLKFVLPAVAAASFTVWLLRDFAI
WLLLSNKFTAMRDLFAWQLVGDVLKVGAYVFGYLVIAKASLRFYILAEVSQFTLLMVFAHWLIPAHGALGAAQAYMATYI
VYFSLCCGVFLLWRRRALEENLYFQ
;
A
2 'polypeptide(L)'
;MAQVQLVESGGGLVQAGGSLGLSCAASGRTFSNYVMAWFRQAPGKEREFVARISESRGTTDYADSVKGRFTISRDNAKNT
IYLQMNSLNPGDTAVYSCAATLPAWTGIIGGRRPGNYPYWGQGTQVTVSSHHHHHHEPEA
;
B
#
# COMPACT_ATOMS: atom_id res chain seq x y z
N VAL A 2 26.64 2.22 -18.89
CA VAL A 2 25.70 1.78 -17.87
C VAL A 2 25.53 0.26 -17.97
N SER A 3 25.15 -0.36 -16.86
CA SER A 3 25.09 -1.82 -16.77
C SER A 3 24.08 -2.23 -15.71
N LEU A 4 23.73 -3.52 -15.72
CA LEU A 4 22.82 -4.04 -14.71
C LEU A 4 23.45 -4.01 -13.31
N ALA A 5 24.77 -4.22 -13.23
CA ALA A 5 25.43 -4.22 -11.93
C ALA A 5 25.43 -2.82 -11.32
N LYS A 6 25.86 -1.81 -12.07
CA LYS A 6 25.86 -0.45 -11.55
C LYS A 6 24.45 0.02 -11.21
N ALA A 7 23.47 -0.34 -12.04
CA ALA A 7 22.09 0.02 -11.72
C ALA A 7 21.64 -0.63 -10.43
N SER A 8 22.08 -1.87 -10.20
CA SER A 8 21.76 -2.55 -8.96
C SER A 8 22.39 -1.85 -7.76
N LEU A 9 23.57 -1.26 -7.94
CA LEU A 9 24.22 -0.57 -6.84
C LEU A 9 23.45 0.68 -6.44
N TRP A 10 23.02 1.48 -7.41
CA TRP A 10 22.17 2.63 -7.13
C TRP A 10 20.84 2.17 -6.53
N THR A 11 20.18 1.20 -7.18
CA THR A 11 18.85 0.81 -6.74
C THR A 11 18.87 0.13 -5.37
N ALA A 12 19.94 -0.58 -5.04
CA ALA A 12 20.01 -1.17 -3.70
C ALA A 12 20.06 -0.11 -2.62
N ALA A 13 20.79 0.99 -2.87
CA ALA A 13 20.86 2.07 -1.88
C ALA A 13 19.49 2.70 -1.66
N SER A 14 18.75 2.97 -2.74
CA SER A 14 17.43 3.55 -2.56
C SER A 14 16.47 2.55 -1.92
N THR A 15 16.54 1.27 -2.30
CA THR A 15 15.64 0.30 -1.71
C THR A 15 15.96 0.09 -0.23
N LEU A 16 17.24 0.12 0.15
CA LEU A 16 17.59 -0.07 1.55
C LEU A 16 17.08 1.09 2.40
N VAL A 17 17.15 2.31 1.88
CA VAL A 17 16.60 3.46 2.61
C VAL A 17 15.09 3.34 2.71
N LYS A 18 14.43 2.89 1.64
CA LYS A 18 12.98 2.71 1.71
C LYS A 18 12.61 1.64 2.74
N ILE A 19 13.42 0.59 2.84
CA ILE A 19 13.13 -0.45 3.82
C ILE A 19 13.38 0.07 5.23
N GLY A 20 14.52 0.73 5.44
CA GLY A 20 14.79 1.30 6.76
C GLY A 20 13.76 2.31 7.18
N ALA A 21 13.30 3.14 6.24
CA ALA A 21 12.25 4.11 6.56
C ALA A 21 10.93 3.41 6.87
N GLY A 22 10.62 2.35 6.12
CA GLY A 22 9.38 1.62 6.38
C GLY A 22 9.40 0.93 7.73
N LEU A 23 10.54 0.32 8.08
CA LEU A 23 10.67 -0.32 9.39
C LEU A 23 10.57 0.70 10.51
N LEU A 24 11.11 1.90 10.30
CA LEU A 24 11.02 2.94 11.31
C LEU A 24 9.58 3.41 11.47
N VAL A 25 8.90 3.69 10.35
CA VAL A 25 7.53 4.17 10.43
C VAL A 25 6.60 3.09 10.97
N GLY A 26 6.82 1.84 10.57
CA GLY A 26 5.98 0.77 11.05
C GLY A 26 6.10 0.56 12.55
N LYS A 27 7.31 0.67 13.08
CA LYS A 27 7.47 0.52 14.53
C LYS A 27 6.94 1.73 15.29
N LEU A 28 7.03 2.93 14.70
CA LEU A 28 6.41 4.09 15.33
C LEU A 28 4.91 3.91 15.40
N LEU A 29 4.31 3.37 14.34
CA LEU A 29 2.86 3.16 14.33
C LEU A 29 2.46 2.08 15.33
N ALA A 30 3.25 1.02 15.44
CA ALA A 30 2.92 -0.05 16.37
C ALA A 30 2.96 0.45 17.81
N VAL A 31 4.05 1.13 18.19
CA VAL A 31 4.19 1.63 19.55
C VAL A 31 3.12 2.67 19.86
N SER A 32 2.70 3.45 18.86
CA SER A 32 1.77 4.53 19.13
C SER A 32 0.32 4.04 19.25
N PHE A 33 -0.08 3.05 18.46
CA PHE A 33 -1.49 2.70 18.35
C PHE A 33 -1.81 1.23 18.61
N GLY A 34 -0.79 0.38 18.83
CA GLY A 34 -1.01 -0.99 19.24
C GLY A 34 -1.77 -1.83 18.22
N PRO A 35 -2.23 -3.00 18.66
CA PRO A 35 -2.92 -3.89 17.71
C PRO A 35 -4.24 -3.33 17.20
N ALA A 36 -4.91 -2.49 17.99
CA ALA A 36 -6.16 -1.88 17.52
C ALA A 36 -5.88 -0.93 16.36
N GLY A 37 -4.82 -0.14 16.45
CA GLY A 37 -4.46 0.74 15.35
C GLY A 37 -3.98 -0.03 14.12
N LEU A 38 -3.24 -1.12 14.34
CA LEU A 38 -2.77 -1.92 13.22
C LEU A 38 -3.92 -2.62 12.51
N GLY A 39 -4.86 -3.18 13.27
CA GLY A 39 -5.99 -3.85 12.66
C GLY A 39 -6.88 -2.92 11.87
N LEU A 40 -7.03 -1.68 12.36
CA LEU A 40 -7.81 -0.69 11.64
C LEU A 40 -7.06 -0.10 10.45
N ALA A 41 -5.73 -0.16 10.44
CA ALA A 41 -4.94 0.38 9.35
C ALA A 41 -4.63 -0.65 8.26
N ALA A 42 -5.05 -1.91 8.44
CA ALA A 42 -4.63 -2.97 7.54
C ALA A 42 -5.13 -2.73 6.11
N ASN A 43 -6.45 -2.57 5.96
CA ASN A 43 -7.01 -2.36 4.63
C ASN A 43 -6.53 -1.05 4.02
N PHE A 44 -6.52 0.02 4.82
CA PHE A 44 -6.06 1.32 4.33
C PHE A 44 -4.62 1.23 3.81
N ARG A 45 -3.76 0.48 4.50
CA ARG A 45 -2.38 0.35 4.04
C ARG A 45 -2.29 -0.46 2.77
N GLN A 46 -3.09 -1.53 2.65
CA GLN A 46 -3.09 -2.29 1.40
C GLN A 46 -3.64 -1.46 0.24
N LEU A 47 -4.60 -0.57 0.51
CA LEU A 47 -5.06 0.34 -0.53
C LEU A 47 -3.96 1.27 -0.99
N ILE A 48 -3.13 1.76 -0.07
CA ILE A 48 -2.01 2.63 -0.45
C ILE A 48 -1.05 1.87 -1.35
N THR A 49 -0.80 0.61 -1.06
CA THR A 49 0.04 -0.21 -1.92
C THR A 49 -0.58 -0.33 -3.31
N VAL A 50 -1.88 -0.65 -3.36
CA VAL A 50 -2.55 -0.85 -4.65
C VAL A 50 -2.50 0.44 -5.47
N LEU A 51 -2.70 1.59 -4.82
CA LEU A 51 -2.70 2.86 -5.52
C LEU A 51 -1.36 3.19 -6.17
N GLY A 52 -0.27 2.60 -5.68
CA GLY A 52 1.03 2.82 -6.30
C GLY A 52 1.07 2.40 -7.76
N VAL A 53 0.22 1.45 -8.14
CA VAL A 53 0.07 1.08 -9.53
C VAL A 53 -1.26 1.57 -10.12
N LEU A 54 -2.33 1.57 -9.33
CA LEU A 54 -3.66 1.87 -9.86
C LEU A 54 -3.83 3.35 -10.18
N ALA A 55 -3.19 4.24 -9.42
CA ALA A 55 -3.45 5.68 -9.58
C ALA A 55 -3.08 6.18 -10.97
N GLY A 56 -2.05 5.58 -11.58
CA GLY A 56 -1.67 5.97 -12.92
C GLY A 56 -2.10 4.97 -13.98
N ALA A 57 -3.11 4.16 -13.67
CA ALA A 57 -3.68 3.18 -14.60
C ALA A 57 -2.65 2.15 -15.07
N GLY A 58 -1.60 1.92 -14.28
CA GLY A 58 -0.65 0.85 -14.55
C GLY A 58 0.13 0.95 -15.84
N ILE A 59 0.28 2.16 -16.41
CA ILE A 59 1.01 2.32 -17.66
C ILE A 59 2.50 2.47 -17.44
N PHE A 60 2.97 2.46 -16.20
CA PHE A 60 4.33 2.92 -15.90
C PHE A 60 5.38 2.12 -16.66
N ASN A 61 5.26 0.79 -16.67
CA ASN A 61 6.21 -0.01 -17.43
C ASN A 61 6.18 0.33 -18.92
N GLY A 62 5.00 0.64 -19.45
CA GLY A 62 4.92 1.07 -20.84
C GLY A 62 5.58 2.41 -21.06
N VAL A 63 5.43 3.34 -20.11
CA VAL A 63 6.15 4.61 -20.19
C VAL A 63 7.64 4.36 -20.33
N THR A 64 8.19 3.54 -19.43
CA THR A 64 9.60 3.20 -19.49
C THR A 64 9.96 2.52 -20.81
N LYS A 65 9.13 1.59 -21.26
CA LYS A 65 9.43 0.85 -22.47
C LYS A 65 9.53 1.77 -23.68
N TYR A 66 8.54 2.65 -23.85
CA TYR A 66 8.50 3.44 -25.08
C TYR A 66 9.42 4.64 -25.02
N VAL A 67 9.65 5.20 -23.83
CA VAL A 67 10.67 6.24 -23.70
C VAL A 67 12.03 5.69 -24.09
N ALA A 68 12.36 4.49 -23.61
CA ALA A 68 13.59 3.82 -24.03
C ALA A 68 13.63 3.61 -25.53
N GLN A 69 12.52 3.15 -26.12
CA GLN A 69 12.51 2.86 -27.55
C GLN A 69 12.75 4.12 -28.37
N TYR A 70 12.25 5.27 -27.89
CA TYR A 70 12.32 6.52 -28.63
C TYR A 70 13.23 7.54 -27.97
N HIS A 71 14.19 7.10 -27.15
CA HIS A 71 15.02 8.05 -26.43
C HIS A 71 15.91 8.88 -27.36
N ASP A 72 16.09 8.45 -28.61
CA ASP A 72 16.80 9.24 -29.61
C ASP A 72 15.86 9.79 -30.67
N ASN A 73 14.58 9.94 -30.34
CA ASN A 73 13.56 10.42 -31.27
C ASN A 73 12.75 11.50 -30.55
N PRO A 74 13.15 12.76 -30.68
CA PRO A 74 12.49 13.81 -29.89
C PRO A 74 11.00 13.96 -30.20
N GLN A 75 10.62 13.84 -31.47
CA GLN A 75 9.22 14.01 -31.86
C GLN A 75 8.33 12.94 -31.24
N GLN A 76 8.73 11.67 -31.37
CA GLN A 76 7.95 10.59 -30.79
C GLN A 76 8.03 10.61 -29.27
N LEU A 77 9.21 10.95 -28.72
CA LEU A 77 9.36 11.01 -27.28
C LEU A 77 8.39 12.01 -26.67
N ARG A 78 8.26 13.18 -27.29
CA ARG A 78 7.29 14.15 -26.80
C ARG A 78 5.87 13.58 -26.86
N ARG A 79 5.55 12.87 -27.94
CA ARG A 79 4.23 12.26 -28.03
C ARG A 79 4.04 11.22 -26.94
N VAL A 80 5.07 10.42 -26.68
CA VAL A 80 4.98 9.38 -25.65
C VAL A 80 4.71 10.00 -24.29
N VAL A 81 5.52 10.98 -23.90
CA VAL A 81 5.40 11.60 -22.59
C VAL A 81 4.09 12.40 -22.49
N GLY A 82 3.69 13.05 -23.58
CA GLY A 82 2.44 13.79 -23.55
C GLY A 82 1.23 12.89 -23.37
N THR A 83 1.18 11.79 -24.12
CA THR A 83 0.06 10.86 -23.96
C THR A 83 0.09 10.22 -22.58
N SER A 84 1.28 9.86 -22.08
CA SER A 84 1.37 9.29 -20.74
C SER A 84 0.88 10.29 -19.69
N SER A 85 1.25 11.56 -19.84
CA SER A 85 0.77 12.58 -18.91
C SER A 85 -0.74 12.69 -18.97
N ALA A 86 -1.31 12.69 -20.18
CA ALA A 86 -2.77 12.76 -20.32
C ALA A 86 -3.45 11.57 -19.65
N MET A 87 -2.87 10.38 -19.80
CA MET A 87 -3.50 9.18 -19.25
C MET A 87 -3.41 9.16 -17.73
N VAL A 88 -2.28 9.59 -17.17
CA VAL A 88 -2.15 9.63 -15.72
C VAL A 88 -3.01 10.76 -15.15
N LEU A 89 -2.99 11.93 -15.78
CA LEU A 89 -3.84 13.02 -15.31
C LEU A 89 -5.31 12.63 -15.39
N GLY A 90 -5.73 12.08 -16.53
CA GLY A 90 -7.14 11.73 -16.70
C GLY A 90 -7.60 10.68 -15.71
N PHE A 91 -6.81 9.61 -15.55
CA PHE A 91 -7.22 8.53 -14.67
C PHE A 91 -7.14 8.94 -13.21
N SER A 92 -6.07 9.63 -12.82
CA SER A 92 -5.93 10.08 -11.45
C SER A 92 -7.04 11.06 -11.08
N THR A 93 -7.43 11.91 -12.01
CA THR A 93 -8.56 12.82 -11.75
C THR A 93 -9.84 12.03 -11.58
N LEU A 94 -10.10 11.06 -12.47
CA LEU A 94 -11.27 10.21 -12.31
C LEU A 94 -11.25 9.48 -10.98
N MET A 95 -10.07 8.98 -10.58
CA MET A 95 -9.95 8.30 -9.30
C MET A 95 -10.27 9.24 -8.15
N ALA A 96 -9.77 10.48 -8.22
CA ALA A 96 -10.04 11.45 -7.17
C ALA A 96 -11.52 11.72 -7.04
N LEU A 97 -12.25 11.78 -8.16
CA LEU A 97 -13.68 12.01 -8.13
C LEU A 97 -14.42 10.82 -7.52
N VAL A 98 -14.03 9.60 -7.92
CA VAL A 98 -14.66 8.40 -7.36
C VAL A 98 -14.43 8.33 -5.85
N PHE A 99 -13.24 8.72 -5.40
CA PHE A 99 -12.92 8.66 -3.98
C PHE A 99 -13.74 9.67 -3.19
N VAL A 100 -13.83 10.90 -3.69
CA VAL A 100 -14.53 11.93 -2.93
C VAL A 100 -16.04 11.70 -2.95
N LEU A 101 -16.57 11.18 -4.06
CA LEU A 101 -18.01 10.96 -4.16
C LEU A 101 -18.45 9.79 -3.29
N ALA A 102 -17.65 8.73 -3.25
CA ALA A 102 -17.98 7.52 -2.50
C ALA A 102 -17.10 7.37 -1.26
N ALA A 103 -16.75 8.49 -0.62
CA ALA A 103 -15.90 8.42 0.56
C ALA A 103 -16.55 7.62 1.70
N ALA A 104 -17.88 7.65 1.80
CA ALA A 104 -18.52 6.88 2.87
C ALA A 104 -18.48 5.39 2.61
N PRO A 105 -18.88 4.87 1.44
CA PRO A 105 -18.73 3.42 1.20
C PRO A 105 -17.29 2.96 1.23
N ILE A 106 -16.35 3.79 0.78
CA ILE A 106 -14.94 3.41 0.82
C ILE A 106 -14.46 3.32 2.25
N SER A 107 -14.82 4.31 3.08
CA SER A 107 -14.47 4.25 4.50
C SER A 107 -15.07 3.01 5.15
N GLN A 108 -16.31 2.67 4.80
CA GLN A 108 -16.94 1.49 5.37
C GLN A 108 -16.18 0.22 5.00
N GLY A 109 -15.76 0.10 3.74
CA GLY A 109 -15.02 -1.08 3.31
C GLY A 109 -13.62 -1.17 3.86
N LEU A 110 -13.01 -0.03 4.21
CA LEU A 110 -11.64 0.01 4.70
C LEU A 110 -11.56 -0.18 6.22
N PHE A 111 -12.43 0.51 6.97
CA PHE A 111 -12.34 0.57 8.41
C PHE A 111 -13.52 -0.04 9.15
N GLY A 112 -14.64 -0.29 8.46
CA GLY A 112 -15.80 -0.87 9.09
C GLY A 112 -16.86 0.13 9.53
N ASN A 113 -16.57 1.43 9.43
CA ASN A 113 -17.56 2.45 9.72
C ASN A 113 -17.29 3.64 8.80
N THR A 114 -18.07 4.69 8.96
CA THR A 114 -18.02 5.85 8.08
C THR A 114 -17.27 7.03 8.70
N ASP A 115 -16.51 6.80 9.77
CA ASP A 115 -15.87 7.89 10.50
C ASP A 115 -14.60 8.40 9.84
N TYR A 116 -14.23 7.88 8.67
CA TYR A 116 -12.97 8.21 8.03
C TYR A 116 -13.17 8.84 6.65
N GLN A 117 -14.33 9.47 6.45
CA GLN A 117 -14.64 10.09 5.16
C GLN A 117 -13.65 11.20 4.82
N GLY A 118 -13.28 12.02 5.81
CA GLY A 118 -12.34 13.09 5.56
C GLY A 118 -10.98 12.58 5.12
N LEU A 119 -10.50 11.51 5.75
CA LEU A 119 -9.23 10.91 5.35
C LEU A 119 -9.30 10.35 3.93
N VAL A 120 -10.43 9.75 3.56
CA VAL A 120 -10.59 9.24 2.21
C VAL A 120 -10.57 10.37 1.20
N ARG A 121 -11.25 11.48 1.51
CA ARG A 121 -11.25 12.63 0.61
C ARG A 121 -9.85 13.22 0.48
N LEU A 122 -9.06 13.20 1.55
CA LEU A 122 -7.67 13.64 1.44
C LEU A 122 -6.87 12.69 0.56
N VAL A 123 -7.07 11.38 0.73
CA VAL A 123 -6.36 10.41 -0.09
C VAL A 123 -6.68 10.62 -1.57
N ALA A 124 -7.88 11.10 -1.89
CA ALA A 124 -8.24 11.40 -3.27
C ALA A 124 -7.28 12.39 -3.91
N LEU A 125 -6.72 13.32 -3.13
CA LEU A 125 -5.72 14.23 -3.65
C LEU A 125 -4.31 13.68 -3.52
N VAL A 126 -4.05 12.85 -2.50
CA VAL A 126 -2.72 12.29 -2.30
C VAL A 126 -2.37 11.32 -3.43
N GLN A 127 -3.36 10.56 -3.91
CA GLN A 127 -3.07 9.60 -4.98
C GLN A 127 -2.68 10.28 -6.29
N MET A 128 -3.03 11.55 -6.48
CA MET A 128 -2.52 12.29 -7.62
C MET A 128 -1.01 12.42 -7.53
N GLY A 129 -0.50 12.75 -6.33
CA GLY A 129 0.94 12.80 -6.16
C GLY A 129 1.60 11.44 -6.33
N ILE A 130 0.90 10.38 -5.92
CA ILE A 130 1.41 9.02 -6.13
C ILE A 130 1.52 8.72 -7.63
N ALA A 131 0.44 8.99 -8.37
CA ALA A 131 0.44 8.73 -9.80
C ALA A 131 1.47 9.58 -10.52
N TRP A 132 1.53 10.87 -10.21
CA TRP A 132 2.46 11.75 -10.93
C TRP A 132 3.91 11.45 -10.56
N GLY A 133 4.17 11.14 -9.28
CA GLY A 133 5.52 10.76 -8.89
C GLY A 133 5.99 9.49 -9.56
N ASN A 134 5.11 8.47 -9.62
CA ASN A 134 5.50 7.23 -10.26
C ASN A 134 5.72 7.41 -11.76
N LEU A 135 5.02 8.35 -12.38
CA LEU A 135 5.23 8.63 -13.79
C LEU A 135 6.63 9.21 -14.02
N LEU A 136 7.03 10.18 -13.20
CA LEU A 136 8.34 10.80 -13.35
C LEU A 136 9.46 9.79 -13.15
N LEU A 137 9.30 8.90 -12.17
CA LEU A 137 10.30 7.85 -11.97
C LEU A 137 10.36 6.92 -13.18
N ALA A 138 9.20 6.54 -13.71
CA ALA A 138 9.16 5.67 -14.88
C ALA A 138 9.80 6.34 -16.09
N LEU A 139 9.65 7.66 -16.22
CA LEU A 139 10.35 8.39 -17.27
C LEU A 139 11.86 8.26 -17.11
N MET A 140 12.36 8.49 -15.90
CA MET A 140 13.80 8.37 -15.66
C MET A 140 14.28 6.96 -16.01
N LYS A 141 13.51 5.94 -15.60
CA LYS A 141 13.88 4.57 -15.92
C LYS A 141 13.90 4.34 -17.42
N GLY A 142 13.04 5.04 -18.17
CA GLY A 142 13.08 4.93 -19.62
C GLY A 142 14.40 5.41 -20.20
N PHE A 143 15.06 6.34 -19.50
CA PHE A 143 16.37 6.83 -19.86
C PHE A 143 17.49 6.06 -19.15
N ARG A 144 17.15 5.01 -18.40
CA ARG A 144 18.11 4.22 -17.63
C ARG A 144 18.88 5.08 -16.63
N ASP A 145 18.23 6.13 -16.11
CA ASP A 145 18.86 7.03 -15.14
C ASP A 145 18.70 6.43 -13.74
N ALA A 146 19.54 5.44 -13.45
CA ALA A 146 19.47 4.77 -12.15
C ALA A 146 19.76 5.74 -11.02
N ALA A 147 20.63 6.72 -11.25
CA ALA A 147 21.00 7.66 -10.19
C ALA A 147 19.87 8.63 -9.90
N GLY A 148 19.25 9.20 -10.94
CA GLY A 148 18.11 10.07 -10.71
C GLY A 148 16.96 9.36 -10.03
N ASN A 149 16.66 8.13 -10.48
CA ASN A 149 15.62 7.35 -9.84
C ASN A 149 15.94 7.11 -8.36
N ALA A 150 17.16 6.65 -8.07
CA ALA A 150 17.54 6.34 -6.69
C ALA A 150 17.58 7.59 -5.82
N LEU A 151 18.17 8.68 -6.32
CA LEU A 151 18.21 9.90 -5.53
C LEU A 151 16.81 10.44 -5.25
N SER A 152 15.91 10.33 -6.22
CA SER A 152 14.54 10.79 -6.00
C SER A 152 13.87 9.99 -4.88
N LEU A 153 13.94 8.67 -4.96
CA LEU A 153 13.32 7.82 -3.95
C LEU A 153 13.95 8.03 -2.57
N ILE A 154 15.26 8.27 -2.52
CA ILE A 154 15.92 8.49 -1.23
C ILE A 154 15.41 9.76 -0.58
N VAL A 155 15.40 10.87 -1.33
CA VAL A 155 14.88 12.12 -0.78
C VAL A 155 13.43 11.96 -0.35
N GLY A 156 12.64 11.24 -1.16
CA GLY A 156 11.23 11.06 -0.85
C GLY A 156 11.00 10.24 0.41
N SER A 157 11.77 9.17 0.60
CA SER A 157 11.64 8.39 1.83
C SER A 157 11.96 9.24 3.05
N LEU A 158 13.05 10.00 2.99
CA LEU A 158 13.47 10.78 4.16
C LEU A 158 12.47 11.88 4.47
N ILE A 159 11.99 12.60 3.45
CA ILE A 159 10.96 13.60 3.72
C ILE A 159 9.66 12.93 4.11
N GLY A 160 9.43 11.70 3.64
CA GLY A 160 8.22 11.00 4.03
C GLY A 160 8.19 10.68 5.51
N VAL A 161 9.32 10.23 6.06
CA VAL A 161 9.40 9.97 7.49
C VAL A 161 9.17 11.25 8.29
N LEU A 162 9.77 12.36 7.86
CA LEU A 162 9.54 13.63 8.53
C LEU A 162 8.05 14.01 8.46
N ALA A 163 7.44 13.87 7.28
CA ALA A 163 6.02 14.22 7.14
C ALA A 163 5.15 13.33 8.01
N TYR A 164 5.46 12.03 8.07
CA TYR A 164 4.70 11.13 8.92
C TYR A 164 4.79 11.56 10.39
N TYR A 165 5.99 11.95 10.84
CA TYR A 165 6.16 12.36 12.24
C TYR A 165 5.29 13.56 12.56
N VAL A 166 5.38 14.61 11.76
CA VAL A 166 4.55 15.80 11.99
C VAL A 166 3.07 15.44 11.91
N SER A 167 2.72 14.57 10.96
CA SER A 167 1.31 14.28 10.71
C SER A 167 0.67 13.53 11.87
N TYR A 168 1.35 12.53 12.42
CA TYR A 168 0.74 11.79 13.52
C TYR A 168 0.83 12.56 14.82
N ARG A 169 1.89 13.34 15.03
CA ARG A 169 1.99 14.17 16.22
C ARG A 169 0.88 15.23 16.22
N LEU A 170 0.54 15.76 15.05
CA LEU A 170 -0.49 16.77 14.97
C LEU A 170 -1.88 16.16 15.06
N GLY A 171 -2.14 15.14 14.23
CA GLY A 171 -3.48 14.62 14.08
C GLY A 171 -3.74 13.21 14.58
N GLY A 172 -2.87 12.71 15.47
CA GLY A 172 -3.13 11.41 16.08
C GLY A 172 -3.16 10.28 15.07
N TYR A 173 -4.09 9.33 15.31
CA TYR A 173 -4.15 8.13 14.48
C TYR A 173 -4.48 8.45 13.03
N GLU A 174 -5.45 9.33 12.79
CA GLU A 174 -5.80 9.67 11.42
C GLU A 174 -4.68 10.44 10.74
N GLY A 175 -3.97 11.30 11.48
CA GLY A 175 -2.78 11.91 10.94
C GLY A 175 -1.71 10.89 10.58
N ALA A 176 -1.58 9.84 11.38
CA ALA A 176 -0.62 8.78 11.05
C ALA A 176 -0.99 8.08 9.75
N LEU A 177 -2.28 7.75 9.58
CA LEU A 177 -2.72 7.13 8.32
C LEU A 177 -2.47 8.05 7.14
N LEU A 178 -2.75 9.34 7.28
CA LEU A 178 -2.46 10.29 6.22
C LEU A 178 -0.97 10.28 5.88
N GLY A 179 -0.12 10.24 6.90
CA GLY A 179 1.31 10.15 6.66
C GLY A 179 1.69 8.88 5.89
N LEU A 180 0.99 7.78 6.16
CA LEU A 180 1.24 6.55 5.43
C LEU A 180 0.91 6.72 3.94
N ALA A 181 -0.16 7.45 3.64
CA ALA A 181 -0.49 7.72 2.24
C ALA A 181 0.49 8.71 1.63
N LEU A 182 1.05 9.61 2.44
CA LEU A 182 1.97 10.61 1.94
C LEU A 182 3.37 10.05 1.67
N ILE A 183 3.70 8.90 2.25
CA ILE A 183 5.01 8.28 2.04
C ILE A 183 5.27 8.13 0.55
N PRO A 184 4.46 7.41 -0.23
CA PRO A 184 4.75 7.28 -1.66
C PRO A 184 4.40 8.50 -2.51
N ALA A 185 3.63 9.46 -1.98
CA ALA A 185 3.23 10.62 -2.77
C ALA A 185 4.30 11.70 -2.80
N LEU A 186 5.01 11.90 -1.69
CA LEU A 186 5.99 12.98 -1.61
C LEU A 186 7.18 12.77 -2.54
N VAL A 187 7.32 11.59 -3.15
CA VAL A 187 8.40 11.39 -4.12
C VAL A 187 8.25 12.32 -5.31
N VAL A 188 7.04 12.82 -5.56
CA VAL A 188 6.82 13.67 -6.72
C VAL A 188 7.64 14.94 -6.64
N ILE A 189 7.92 15.43 -5.43
CA ILE A 189 8.66 16.68 -5.28
C ILE A 189 10.10 16.50 -5.73
N PRO A 190 10.87 15.56 -5.17
CA PRO A 190 12.23 15.37 -5.69
C PRO A 190 12.28 14.83 -7.10
N ALA A 191 11.34 13.95 -7.49
CA ALA A 191 11.35 13.41 -8.84
C ALA A 191 11.21 14.52 -9.87
N ALA A 192 10.30 15.47 -9.62
CA ALA A 192 10.15 16.59 -10.55
C ALA A 192 11.42 17.45 -10.56
N ILE A 193 11.99 17.70 -9.39
CA ILE A 193 13.21 18.50 -9.31
C ILE A 193 14.34 17.79 -10.04
N MET A 194 14.53 16.50 -9.76
CA MET A 194 15.65 15.77 -10.33
C MET A 194 15.52 15.65 -11.85
N LEU A 195 14.30 15.42 -12.34
CA LEU A 195 14.10 15.25 -13.78
C LEU A 195 14.48 16.52 -14.54
N ILE A 196 14.05 17.69 -14.05
CA ILE A 196 14.33 18.94 -14.74
C ILE A 196 15.78 19.34 -14.56
N LYS A 197 16.30 19.19 -13.34
CA LYS A 197 17.67 19.62 -13.05
C LYS A 197 18.71 18.78 -13.79
N ARG A 198 18.43 17.49 -13.98
CA ARG A 198 19.39 16.62 -14.64
C ARG A 198 19.35 16.74 -16.17
N GLY A 199 18.45 17.54 -16.72
CA GLY A 199 18.41 17.73 -18.16
C GLY A 199 17.92 16.55 -18.94
N VAL A 200 17.14 15.67 -18.30
CA VAL A 200 16.68 14.44 -18.97
C VAL A 200 15.75 14.78 -20.13
N ILE A 201 14.68 15.53 -19.87
CA ILE A 201 13.77 16.00 -20.90
C ILE A 201 13.40 17.45 -20.63
N PRO A 202 12.96 18.17 -21.66
CA PRO A 202 12.37 19.48 -21.42
C PRO A 202 11.09 19.35 -20.61
N LEU A 203 10.84 20.34 -19.75
CA LEU A 203 9.63 20.31 -18.93
C LEU A 203 8.37 20.26 -19.78
N SER A 204 8.40 20.87 -20.97
CA SER A 204 7.22 20.94 -21.82
C SER A 204 6.75 19.58 -22.30
N TYR A 205 7.61 18.56 -22.27
CA TYR A 205 7.19 17.23 -22.69
C TYR A 205 6.03 16.71 -21.86
N LEU A 206 5.91 17.17 -20.62
CA LEU A 206 4.90 16.69 -19.69
C LEU A 206 3.53 17.34 -19.89
N LYS A 207 3.40 18.28 -20.81
CA LYS A 207 2.08 18.85 -21.10
C LYS A 207 1.20 17.78 -21.70
N PRO A 208 -0.01 17.57 -21.18
CA PRO A 208 -0.86 16.50 -21.70
C PRO A 208 -1.17 16.69 -23.18
N SER A 209 -0.98 15.62 -23.95
CA SER A 209 -1.40 15.54 -25.34
C SER A 209 -1.98 14.16 -25.57
N TRP A 210 -2.60 13.95 -26.72
CA TRP A 210 -3.18 12.65 -27.04
C TRP A 210 -2.70 12.15 -28.38
N ASP A 211 -2.17 10.93 -28.40
CA ASP A 211 -1.85 10.22 -29.62
C ASP A 211 -2.54 8.87 -29.55
N ASN A 212 -3.46 8.61 -30.49
CA ASN A 212 -4.28 7.42 -30.42
C ASN A 212 -3.43 6.15 -30.49
N GLY A 213 -2.45 6.11 -31.38
CA GLY A 213 -1.58 4.95 -31.48
C GLY A 213 -0.87 4.67 -30.16
N LEU A 214 -0.14 5.65 -29.64
CA LEU A 214 0.61 5.44 -28.40
C LEU A 214 -0.32 5.15 -27.24
N ALA A 215 -1.51 5.74 -27.23
CA ALA A 215 -2.47 5.45 -26.16
C ALA A 215 -2.87 3.98 -26.19
N GLY A 216 -3.18 3.44 -27.37
CA GLY A 216 -3.47 2.04 -27.49
C GLY A 216 -2.30 1.16 -27.08
N GLN A 217 -1.08 1.60 -27.35
CA GLN A 217 0.08 0.81 -26.97
C GLN A 217 0.32 0.82 -25.48
N LEU A 218 0.17 1.98 -24.84
CA LEU A 218 0.29 2.04 -23.39
C LEU A 218 -0.83 1.26 -22.70
N SER A 219 -2.00 1.16 -23.35
CA SER A 219 -3.10 0.39 -22.79
C SER A 219 -2.73 -1.08 -22.63
N LYS A 220 -1.84 -1.59 -23.48
CA LYS A 220 -1.40 -2.97 -23.33
C LYS A 220 -0.76 -3.18 -21.96
N PHE A 221 -0.07 -2.16 -21.46
CA PHE A 221 0.55 -2.27 -20.15
C PHE A 221 -0.48 -2.10 -19.04
N THR A 222 -1.54 -1.32 -19.27
CA THR A 222 -2.67 -1.34 -18.35
C THR A 222 -3.27 -2.73 -18.27
N LEU A 223 -3.41 -3.41 -19.41
CA LEU A 223 -4.05 -4.73 -19.40
C LEU A 223 -3.17 -5.76 -18.72
N MET A 224 -1.84 -5.67 -18.86
CA MET A 224 -0.97 -6.55 -18.08
C MET A 224 -1.09 -6.27 -16.60
N ALA A 225 -1.19 -5.00 -16.20
CA ALA A 225 -1.38 -4.68 -14.79
C ALA A 225 -2.69 -5.26 -14.27
N LEU A 226 -3.75 -5.19 -15.08
CA LEU A 226 -5.03 -5.76 -14.67
C LEU A 226 -4.94 -7.27 -14.51
N ILE A 227 -4.31 -7.95 -15.47
CA ILE A 227 -4.19 -9.40 -15.39
C ILE A 227 -3.35 -9.80 -14.18
N THR A 228 -2.26 -9.08 -13.94
CA THR A 228 -1.35 -9.45 -12.85
C THR A 228 -2.02 -9.30 -11.50
N SER A 229 -2.89 -8.30 -11.35
CA SER A 229 -3.55 -8.07 -10.07
C SER A 229 -4.59 -9.13 -9.73
N VAL A 230 -4.79 -10.15 -10.58
CA VAL A 230 -5.83 -11.14 -10.34
C VAL A 230 -5.22 -12.53 -10.22
N THR A 231 -4.50 -12.97 -11.26
CA THR A 231 -4.15 -14.39 -11.43
C THR A 231 -3.42 -15.00 -10.24
N LEU A 232 -2.20 -14.56 -9.98
CA LEU A 232 -1.44 -15.13 -8.88
C LEU A 232 -2.00 -14.72 -7.51
N PRO A 233 -2.48 -13.49 -7.31
CA PRO A 233 -3.21 -13.20 -6.07
C PRO A 233 -4.34 -14.17 -5.80
N VAL A 234 -5.17 -14.46 -6.82
CA VAL A 234 -6.17 -15.51 -6.71
C VAL A 234 -5.51 -16.83 -6.32
N ALA A 235 -4.34 -17.10 -6.89
CA ALA A 235 -3.65 -18.35 -6.62
C ALA A 235 -3.27 -18.46 -5.15
N TYR A 236 -2.68 -17.40 -4.59
CA TYR A 236 -2.31 -17.42 -3.18
C TYR A 236 -3.53 -17.40 -2.26
N ILE A 237 -4.66 -16.87 -2.73
CA ILE A 237 -5.86 -16.84 -1.90
C ILE A 237 -6.39 -18.25 -1.67
N MET A 238 -6.55 -19.02 -2.74
CA MET A 238 -7.01 -20.38 -2.56
C MET A 238 -5.88 -21.35 -2.19
N MET A 239 -4.62 -20.88 -2.21
CA MET A 239 -3.59 -21.60 -1.50
C MET A 239 -3.81 -21.49 0.01
N ARG A 240 -4.11 -20.29 0.49
CA ARG A 240 -4.48 -20.13 1.89
C ARG A 240 -5.74 -20.91 2.22
N LYS A 241 -6.67 -21.02 1.27
CA LYS A 241 -7.86 -21.82 1.47
C LYS A 241 -7.52 -23.28 1.71
N LEU A 242 -6.68 -23.86 0.85
CA LEU A 242 -6.23 -25.24 1.04
C LEU A 242 -5.54 -25.40 2.40
N LEU A 243 -4.76 -24.40 2.80
CA LEU A 243 -4.06 -24.46 4.08
C LEU A 243 -5.05 -24.52 5.24
N ALA A 244 -6.03 -23.61 5.25
CA ALA A 244 -6.97 -23.55 6.35
C ALA A 244 -7.89 -24.78 6.37
N ALA A 245 -8.12 -25.40 5.21
CA ALA A 245 -9.06 -26.51 5.14
C ALA A 245 -8.60 -27.70 5.97
N GLN A 246 -7.29 -27.88 6.13
CA GLN A 246 -6.75 -29.03 6.84
C GLN A 246 -5.81 -28.66 7.97
N TYR A 247 -5.57 -27.38 8.21
CA TYR A 247 -4.62 -26.96 9.24
C TYR A 247 -5.18 -25.76 9.98
N SER A 248 -4.46 -25.36 11.03
CA SER A 248 -4.86 -24.26 11.88
C SER A 248 -4.53 -22.92 11.22
N TRP A 249 -5.10 -21.85 11.80
CA TRP A 249 -4.77 -20.51 11.37
C TRP A 249 -3.32 -20.15 11.70
N ASP A 250 -2.74 -20.81 12.71
CA ASP A 250 -1.33 -20.56 13.03
C ASP A 250 -0.44 -20.95 11.87
N GLU A 251 -0.64 -22.15 11.31
CA GLU A 251 0.13 -22.57 10.14
C GLU A 251 -0.15 -21.66 8.95
N VAL A 252 -1.38 -21.17 8.82
CA VAL A 252 -1.69 -20.22 7.76
C VAL A 252 -0.88 -18.95 7.94
N GLY A 253 -0.77 -18.46 9.17
CA GLY A 253 0.03 -17.28 9.43
C GLY A 253 1.51 -17.50 9.14
N ILE A 254 2.01 -18.70 9.45
CA ILE A 254 3.41 -19.02 9.17
C ILE A 254 3.68 -18.89 7.68
N TRP A 255 2.79 -19.42 6.84
CA TRP A 255 2.99 -19.36 5.40
C TRP A 255 2.83 -17.95 4.87
N GLN A 256 1.79 -17.24 5.32
CA GLN A 256 1.58 -15.87 4.88
C GLN A 256 2.75 -14.98 5.25
N GLY A 257 3.29 -15.17 6.46
CA GLY A 257 4.49 -14.43 6.84
C GLY A 257 5.67 -14.73 5.94
N VAL A 258 5.89 -16.01 5.62
CA VAL A 258 6.97 -16.37 4.70
C VAL A 258 6.75 -15.71 3.34
N SER A 259 5.53 -15.84 2.80
CA SER A 259 5.26 -15.33 1.47
C SER A 259 5.43 -13.82 1.41
N SER A 260 4.89 -13.09 2.39
CA SER A 260 4.95 -11.64 2.34
C SER A 260 6.38 -11.13 2.48
N ILE A 261 7.18 -11.76 3.35
CA ILE A 261 8.58 -11.34 3.48
C ILE A 261 9.38 -11.79 2.26
N SER A 262 9.01 -12.92 1.65
CA SER A 262 9.70 -13.36 0.44
C SER A 262 9.38 -12.46 -0.74
N ASP A 263 8.13 -11.99 -0.83
CA ASP A 263 7.77 -11.04 -1.89
C ASP A 263 8.51 -9.73 -1.72
N ALA A 264 8.62 -9.23 -0.49
CA ALA A 264 9.41 -8.02 -0.24
C ALA A 264 10.88 -8.25 -0.59
N TYR A 265 11.39 -9.44 -0.29
CA TYR A 265 12.76 -9.78 -0.68
C TYR A 265 12.92 -9.75 -2.19
N LEU A 266 11.94 -10.30 -2.92
CA LEU A 266 11.99 -10.31 -4.38
C LEU A 266 11.94 -8.90 -4.95
N GLN A 267 11.06 -8.05 -4.40
CA GLN A 267 10.94 -6.68 -4.88
C GLN A 267 12.24 -5.91 -4.66
N PHE A 268 12.92 -6.16 -3.54
CA PHE A 268 14.20 -5.50 -3.30
C PHE A 268 15.26 -5.99 -4.28
N ILE A 269 15.26 -7.28 -4.57
CA ILE A 269 16.34 -7.90 -5.34
C ILE A 269 16.22 -7.56 -6.83
N THR A 270 15.00 -7.48 -7.35
CA THR A 270 14.80 -7.24 -8.77
C THR A 270 14.39 -5.79 -9.06
N ALA A 271 14.57 -4.89 -8.11
CA ALA A 271 14.13 -3.51 -8.30
C ALA A 271 14.89 -2.83 -9.44
N SER A 272 16.12 -3.22 -9.69
CA SER A 272 16.89 -2.67 -10.80
C SER A 272 16.51 -3.25 -12.15
N PHE A 273 15.64 -4.25 -12.18
CA PHE A 273 15.23 -4.81 -13.47
C PHE A 273 14.48 -3.78 -14.30
N SER A 274 13.52 -3.09 -13.70
CA SER A 274 12.79 -2.06 -14.43
C SER A 274 13.64 -0.83 -14.68
N VAL A 275 14.71 -0.64 -13.91
CA VAL A 275 15.57 0.53 -14.06
C VAL A 275 16.55 0.33 -15.22
N TYR A 276 17.09 -0.87 -15.36
CA TYR A 276 18.05 -1.17 -16.42
C TYR A 276 17.55 -2.19 -17.43
N LEU A 277 17.08 -3.35 -16.96
CA LEU A 277 16.81 -4.45 -17.87
C LEU A 277 15.67 -4.12 -18.83
N LEU A 278 14.57 -3.55 -18.31
CA LEU A 278 13.43 -3.24 -19.17
C LEU A 278 13.77 -2.22 -20.26
N PRO A 279 14.36 -1.06 -19.96
CA PRO A 279 14.69 -0.13 -21.05
C PRO A 279 15.72 -0.68 -22.02
N THR A 280 16.72 -1.42 -21.52
CA THR A 280 17.75 -1.96 -22.41
C THR A 280 17.14 -2.93 -23.42
N LEU A 281 16.38 -3.91 -22.93
CA LEU A 281 15.74 -4.87 -23.83
C LEU A 281 14.71 -4.22 -24.73
N SER A 282 14.16 -3.07 -24.32
CA SER A 282 13.22 -2.37 -25.17
C SER A 282 13.91 -1.86 -26.42
N ARG A 283 15.15 -1.40 -26.29
CA ARG A 283 15.85 -0.82 -27.43
C ARG A 283 16.33 -1.89 -28.41
N LEU A 284 16.58 -3.10 -27.93
CA LEU A 284 17.12 -4.17 -28.75
C LEU A 284 16.02 -4.94 -29.45
N THR A 285 16.24 -5.24 -30.74
CA THR A 285 15.23 -5.92 -31.53
C THR A 285 15.79 -7.17 -32.19
N GLU A 286 17.09 -7.16 -32.49
CA GLU A 286 17.72 -8.30 -33.12
C GLU A 286 17.85 -9.45 -32.11
N LYS A 287 17.63 -10.67 -32.60
CA LYS A 287 17.63 -11.82 -31.69
C LYS A 287 19.02 -12.08 -31.11
N ARG A 288 20.08 -11.83 -31.87
CA ARG A 288 21.43 -12.00 -31.33
C ARG A 288 21.68 -11.01 -30.18
N ASP A 289 21.27 -9.75 -30.36
CA ASP A 289 21.50 -8.75 -29.32
C ASP A 289 20.66 -9.04 -28.09
N ILE A 290 19.42 -9.47 -28.27
CA ILE A 290 18.58 -9.79 -27.12
C ILE A 290 19.15 -10.98 -26.34
N THR A 291 19.56 -12.03 -27.06
CA THR A 291 20.14 -13.19 -26.42
C THR A 291 21.38 -12.81 -25.61
N ARG A 292 22.27 -12.02 -26.21
CA ARG A 292 23.48 -11.58 -25.52
C ARG A 292 23.15 -10.86 -24.21
N GLU A 293 22.14 -9.98 -24.24
CA GLU A 293 21.79 -9.24 -23.03
C GLU A 293 21.14 -10.13 -21.99
N VAL A 294 20.28 -11.05 -22.43
CA VAL A 294 19.64 -11.99 -21.52
C VAL A 294 20.67 -12.91 -20.89
N VAL A 295 21.58 -13.46 -21.69
CA VAL A 295 22.62 -14.33 -21.14
C VAL A 295 23.49 -13.55 -20.15
N LYS A 296 23.90 -12.33 -20.52
CA LYS A 296 24.74 -11.55 -19.62
C LYS A 296 24.01 -11.23 -18.32
N SER A 297 22.71 -10.93 -18.42
CA SER A 297 21.93 -10.66 -17.21
C SER A 297 21.82 -11.89 -16.33
N LEU A 298 21.49 -13.04 -16.93
CA LEU A 298 21.37 -14.26 -16.13
C LEU A 298 22.70 -14.64 -15.50
N LYS A 299 23.80 -14.43 -16.23
CA LYS A 299 25.12 -14.75 -15.68
C LYS A 299 25.48 -13.89 -14.49
N PHE A 300 24.87 -12.71 -14.36
CA PHE A 300 25.13 -11.83 -13.23
C PHE A 300 24.14 -12.03 -12.09
N VAL A 301 22.86 -12.16 -12.42
CA VAL A 301 21.84 -12.12 -11.39
C VAL A 301 21.70 -13.47 -10.67
N LEU A 302 21.84 -14.59 -11.38
CA LEU A 302 21.67 -15.89 -10.72
C LEU A 302 22.74 -16.15 -9.65
N PRO A 303 24.04 -15.95 -9.91
CA PRO A 303 25.01 -16.14 -8.83
C PRO A 303 24.87 -15.11 -7.73
N ALA A 304 24.48 -13.88 -8.07
CA ALA A 304 24.35 -12.84 -7.05
C ALA A 304 23.18 -13.14 -6.12
N VAL A 305 22.03 -13.52 -6.69
CA VAL A 305 20.87 -13.81 -5.86
C VAL A 305 21.07 -15.11 -5.08
N ALA A 306 21.75 -16.08 -5.69
CA ALA A 306 22.02 -17.33 -4.98
C ALA A 306 22.94 -17.09 -3.78
N ALA A 307 24.01 -16.32 -3.96
CA ALA A 307 24.87 -15.98 -2.85
C ALA A 307 24.09 -15.22 -1.77
N ALA A 308 23.29 -14.25 -2.18
CA ALA A 308 22.53 -13.48 -1.20
C ALA A 308 21.50 -14.35 -0.49
N SER A 309 20.81 -15.23 -1.23
CA SER A 309 19.78 -16.05 -0.60
C SER A 309 20.39 -17.11 0.32
N PHE A 310 21.57 -17.61 -0.02
CA PHE A 310 22.24 -18.54 0.87
C PHE A 310 22.65 -17.85 2.17
N THR A 311 23.13 -16.62 2.07
CA THR A 311 23.44 -15.85 3.27
C THR A 311 22.20 -15.64 4.12
N VAL A 312 21.07 -15.31 3.48
CA VAL A 312 19.83 -15.11 4.22
C VAL A 312 19.42 -16.38 4.94
N TRP A 313 19.52 -17.52 4.25
CA TRP A 313 19.15 -18.79 4.88
C TRP A 313 20.06 -19.11 6.06
N LEU A 314 21.34 -18.79 5.95
CA LEU A 314 22.26 -19.01 7.08
C LEU A 314 21.83 -18.19 8.28
N LEU A 315 21.31 -16.98 8.06
CA LEU A 315 20.89 -16.10 9.12
C LEU A 315 19.37 -16.02 9.23
N ARG A 316 18.68 -17.10 8.88
CA ARG A 316 17.22 -17.09 8.89
C ARG A 316 16.67 -16.78 10.28
N ASP A 317 17.33 -17.25 11.34
CA ASP A 317 16.88 -16.95 12.69
C ASP A 317 17.07 -15.47 13.01
N PHE A 318 18.17 -14.87 12.55
CA PHE A 318 18.34 -13.43 12.73
C PHE A 318 17.34 -12.65 11.88
N ALA A 319 17.10 -13.10 10.65
CA ALA A 319 16.14 -12.41 9.78
C ALA A 319 14.74 -12.45 10.37
N ILE A 320 14.37 -13.58 10.97
CA ILE A 320 13.07 -13.70 11.62
C ILE A 320 13.00 -12.80 12.86
N TRP A 321 14.03 -12.84 13.71
CA TRP A 321 14.02 -12.03 14.92
C TRP A 321 14.01 -10.53 14.61
N LEU A 322 14.61 -10.13 13.49
CA LEU A 322 14.69 -8.70 13.20
C LEU A 322 13.49 -8.19 12.42
N LEU A 323 13.04 -8.93 11.41
CA LEU A 323 12.06 -8.39 10.47
C LEU A 323 10.62 -8.68 10.87
N LEU A 324 10.37 -9.71 11.68
CA LEU A 324 9.01 -10.14 11.95
C LEU A 324 8.76 -10.23 13.45
N SER A 325 7.48 -10.11 13.81
CA SER A 325 7.08 -10.17 15.22
C SER A 325 7.23 -11.59 15.73
N ASN A 326 8.00 -11.76 16.81
CA ASN A 326 8.26 -13.07 17.37
C ASN A 326 6.97 -13.71 17.87
N LYS A 327 6.16 -14.22 16.95
CA LYS A 327 4.96 -14.96 17.31
C LYS A 327 4.87 -16.29 16.59
N PHE A 328 5.84 -16.62 15.74
CA PHE A 328 5.81 -17.88 15.02
C PHE A 328 7.07 -18.69 15.29
N THR A 329 8.22 -18.12 14.93
CA THR A 329 9.56 -18.69 14.95
C THR A 329 9.66 -20.10 14.38
N ALA A 330 8.59 -20.60 13.76
CA ALA A 330 8.61 -21.89 13.08
C ALA A 330 8.83 -21.76 11.57
N MET A 331 8.84 -20.54 11.03
CA MET A 331 9.05 -20.35 9.60
C MET A 331 10.48 -20.64 9.12
N ARG A 332 11.42 -20.91 10.03
CA ARG A 332 12.81 -21.13 9.58
C ARG A 332 12.91 -22.32 8.64
N ASP A 333 12.11 -23.37 8.87
CA ASP A 333 12.16 -24.54 8.00
C ASP A 333 11.61 -24.24 6.61
N LEU A 334 10.79 -23.20 6.48
CA LEU A 334 10.25 -22.82 5.17
C LEU A 334 11.24 -21.99 4.35
N PHE A 335 12.30 -21.46 4.96
CA PHE A 335 13.16 -20.50 4.27
C PHE A 335 13.87 -21.14 3.08
N ALA A 336 14.47 -22.31 3.31
CA ALA A 336 15.28 -22.97 2.29
C ALA A 336 14.49 -23.17 1.00
N TRP A 337 13.35 -23.86 1.09
CA TRP A 337 12.53 -24.09 -0.09
C TRP A 337 12.14 -22.78 -0.74
N GLN A 338 11.61 -21.84 0.05
CA GLN A 338 11.18 -20.56 -0.50
C GLN A 338 12.32 -19.81 -1.16
N LEU A 339 13.51 -19.82 -0.54
CA LEU A 339 14.64 -19.08 -1.08
C LEU A 339 15.13 -19.68 -2.39
N VAL A 340 15.09 -21.01 -2.51
CA VAL A 340 15.45 -21.65 -3.77
C VAL A 340 14.47 -21.22 -4.86
N GLY A 341 13.17 -21.29 -4.55
CA GLY A 341 12.19 -20.80 -5.50
C GLY A 341 12.40 -19.36 -5.87
N ASP A 342 12.84 -18.53 -4.92
CA ASP A 342 13.10 -17.13 -5.21
C ASP A 342 14.25 -16.97 -6.19
N VAL A 343 15.31 -17.78 -6.04
CA VAL A 343 16.45 -17.68 -6.95
C VAL A 343 16.00 -17.95 -8.38
N LEU A 344 15.26 -19.05 -8.58
CA LEU A 344 14.78 -19.38 -9.91
C LEU A 344 13.73 -18.38 -10.40
N LYS A 345 12.95 -17.80 -9.48
CA LYS A 345 11.98 -16.80 -9.90
C LYS A 345 12.66 -15.54 -10.41
N VAL A 346 13.76 -15.14 -9.74
CA VAL A 346 14.55 -14.01 -10.23
C VAL A 346 15.07 -14.31 -11.63
N GLY A 347 15.58 -15.53 -11.84
CA GLY A 347 15.97 -15.93 -13.18
C GLY A 347 14.80 -15.88 -14.15
N ALA A 348 13.63 -16.27 -13.70
CA ALA A 348 12.45 -16.21 -14.57
C ALA A 348 12.02 -14.78 -14.83
N TYR A 349 12.34 -13.86 -13.91
CA TYR A 349 12.01 -12.45 -14.13
C TYR A 349 12.76 -11.88 -15.33
N VAL A 350 13.97 -12.38 -15.60
CA VAL A 350 14.75 -11.88 -16.73
C VAL A 350 13.99 -12.10 -18.03
N PHE A 351 13.42 -13.30 -18.20
CA PHE A 351 12.57 -13.53 -19.36
C PHE A 351 11.27 -12.73 -19.28
N GLY A 352 10.73 -12.55 -18.07
CA GLY A 352 9.50 -11.80 -17.93
C GLY A 352 9.64 -10.34 -18.32
N TYR A 353 10.76 -9.72 -17.96
CA TYR A 353 10.97 -8.32 -18.34
C TYR A 353 11.24 -8.20 -19.84
N LEU A 354 11.75 -9.26 -20.47
CA LEU A 354 11.83 -9.27 -21.92
C LEU A 354 10.45 -9.17 -22.54
N VAL A 355 9.49 -9.95 -22.03
CA VAL A 355 8.12 -9.85 -22.52
C VAL A 355 7.59 -8.44 -22.32
N ILE A 356 7.85 -7.84 -21.14
CA ILE A 356 7.47 -6.45 -20.92
C ILE A 356 8.16 -5.55 -21.93
N ALA A 357 9.46 -5.76 -22.16
CA ALA A 357 10.22 -4.89 -23.05
C ALA A 357 9.71 -4.96 -24.48
N LYS A 358 9.15 -6.09 -24.89
CA LYS A 358 8.57 -6.24 -26.21
C LYS A 358 7.08 -5.96 -26.23
N ALA A 359 6.51 -5.54 -25.09
CA ALA A 359 5.07 -5.25 -24.98
C ALA A 359 4.21 -6.40 -25.48
N SER A 360 4.71 -7.63 -25.35
CA SER A 360 3.97 -8.78 -25.85
C SER A 360 2.89 -9.13 -24.84
N LEU A 361 1.67 -8.63 -25.09
CA LEU A 361 0.55 -9.01 -24.26
C LEU A 361 0.28 -10.51 -24.33
N ARG A 362 0.50 -11.14 -25.50
CA ARG A 362 0.18 -12.56 -25.62
C ARG A 362 1.15 -13.41 -24.79
N PHE A 363 2.45 -13.11 -24.85
CA PHE A 363 3.39 -13.87 -24.03
C PHE A 363 3.22 -13.56 -22.56
N TYR A 364 2.80 -12.34 -22.23
CA TYR A 364 2.51 -12.01 -20.83
C TYR A 364 1.41 -12.87 -20.27
N ILE A 365 0.31 -13.03 -21.03
CA ILE A 365 -0.78 -13.91 -20.60
C ILE A 365 -0.29 -15.34 -20.42
N LEU A 366 0.51 -15.82 -21.37
CA LEU A 366 0.98 -17.21 -21.29
C LEU A 366 1.90 -17.41 -20.10
N ALA A 367 2.75 -16.42 -19.81
CA ALA A 367 3.63 -16.52 -18.64
C ALA A 367 2.82 -16.55 -17.36
N GLU A 368 1.77 -15.73 -17.28
CA GLU A 368 0.97 -15.65 -16.06
C GLU A 368 0.15 -16.92 -15.83
N VAL A 369 -0.51 -17.41 -16.88
CA VAL A 369 -1.29 -18.63 -16.76
C VAL A 369 -0.38 -19.83 -16.43
N SER A 370 0.82 -19.85 -17.00
CA SER A 370 1.76 -20.92 -16.69
C SER A 370 2.11 -20.92 -15.21
N GLN A 371 2.41 -19.74 -14.66
CA GLN A 371 2.75 -19.66 -13.25
C GLN A 371 1.58 -20.05 -12.37
N PHE A 372 0.37 -19.60 -12.74
CA PHE A 372 -0.81 -19.92 -11.95
C PHE A 372 -1.06 -21.42 -11.92
N THR A 373 -1.08 -22.05 -13.10
CA THR A 373 -1.41 -23.46 -13.19
C THR A 373 -0.37 -24.31 -12.48
N LEU A 374 0.92 -24.00 -12.70
CA LEU A 374 1.98 -24.75 -12.01
C LEU A 374 1.85 -24.60 -10.50
N LEU A 375 1.66 -23.38 -10.01
CA LEU A 375 1.45 -23.17 -8.58
C LEU A 375 0.27 -23.99 -8.08
N MET A 376 -0.78 -24.10 -8.88
CA MET A 376 -1.97 -24.82 -8.44
C MET A 376 -1.75 -26.33 -8.43
N VAL A 377 -1.06 -26.84 -9.45
CA VAL A 377 -0.79 -28.28 -9.48
C VAL A 377 0.05 -28.68 -8.28
N PHE A 378 1.07 -27.88 -7.98
CA PHE A 378 1.98 -28.24 -6.90
C PHE A 378 1.35 -28.02 -5.53
N ALA A 379 0.60 -26.92 -5.37
CA ALA A 379 -0.05 -26.65 -4.10
C ALA A 379 -1.10 -27.71 -3.78
N HIS A 380 -1.95 -28.04 -4.76
CA HIS A 380 -2.97 -29.07 -4.56
C HIS A 380 -2.36 -30.42 -4.21
N TRP A 381 -1.11 -30.65 -4.60
CA TRP A 381 -0.42 -31.89 -4.27
C TRP A 381 0.23 -31.82 -2.89
N LEU A 382 1.00 -30.77 -2.61
CA LEU A 382 1.89 -30.75 -1.47
C LEU A 382 1.29 -30.12 -0.22
N ILE A 383 0.36 -29.18 -0.36
CA ILE A 383 -0.22 -28.49 0.80
C ILE A 383 -1.05 -29.45 1.65
N PRO A 384 -1.95 -30.25 1.10
CA PRO A 384 -2.77 -31.13 1.97
C PRO A 384 -1.94 -32.12 2.76
N ALA A 385 -0.72 -32.40 2.34
CA ALA A 385 0.14 -33.36 3.03
C ALA A 385 1.13 -32.70 3.98
N HIS A 386 1.64 -31.51 3.66
CA HIS A 386 2.74 -30.92 4.42
C HIS A 386 2.48 -29.49 4.88
N GLY A 387 1.25 -28.99 4.74
CA GLY A 387 0.91 -27.71 5.34
C GLY A 387 1.75 -26.58 4.77
N ALA A 388 2.17 -25.68 5.66
CA ALA A 388 2.91 -24.51 5.23
C ALA A 388 4.24 -24.88 4.59
N LEU A 389 4.86 -25.97 5.08
CA LEU A 389 6.07 -26.45 4.43
C LEU A 389 5.77 -26.92 3.01
N GLY A 390 4.63 -27.59 2.81
CA GLY A 390 4.24 -27.96 1.47
C GLY A 390 3.98 -26.75 0.57
N ALA A 391 3.39 -25.70 1.13
CA ALA A 391 3.18 -24.48 0.35
C ALA A 391 4.50 -23.88 -0.12
N ALA A 392 5.52 -23.93 0.74
CA ALA A 392 6.85 -23.46 0.34
C ALA A 392 7.47 -24.39 -0.68
N GLN A 393 7.29 -25.70 -0.50
CA GLN A 393 7.77 -26.65 -1.49
C GLN A 393 7.06 -26.48 -2.83
N ALA A 394 5.75 -26.25 -2.80
CA ALA A 394 5.00 -26.04 -4.02
C ALA A 394 5.49 -24.80 -4.76
N TYR A 395 5.74 -23.72 -4.02
CA TYR A 395 6.29 -22.51 -4.61
C TYR A 395 7.64 -22.77 -5.26
N MET A 396 8.51 -23.53 -4.57
CA MET A 396 9.83 -23.83 -5.13
C MET A 396 9.73 -24.71 -6.36
N ALA A 397 8.98 -25.81 -6.26
CA ALA A 397 8.81 -26.68 -7.42
C ALA A 397 8.20 -25.91 -8.59
N THR A 398 7.27 -25.00 -8.29
CA THR A 398 6.62 -24.22 -9.34
C THR A 398 7.65 -23.45 -10.17
N TYR A 399 8.61 -22.81 -9.51
CA TYR A 399 9.52 -21.95 -10.25
C TYR A 399 10.76 -22.68 -10.75
N ILE A 400 11.05 -23.87 -10.23
CA ILE A 400 11.98 -24.77 -10.92
C ILE A 400 11.45 -25.09 -12.31
N VAL A 401 10.20 -25.58 -12.37
CA VAL A 401 9.59 -25.92 -13.65
C VAL A 401 9.39 -24.69 -14.51
N TYR A 402 8.99 -23.57 -13.89
CA TYR A 402 8.67 -22.39 -14.68
C TYR A 402 9.92 -21.79 -15.33
N PHE A 403 11.01 -21.71 -14.57
CA PHE A 403 12.27 -21.22 -15.15
C PHE A 403 12.73 -22.10 -16.29
N SER A 404 12.68 -23.43 -16.09
CA SER A 404 13.01 -24.34 -17.17
C SER A 404 12.12 -24.12 -18.38
N LEU A 405 10.81 -23.97 -18.15
CA LEU A 405 9.90 -23.67 -19.26
C LEU A 405 10.27 -22.36 -19.94
N CYS A 406 10.63 -21.33 -19.15
CA CYS A 406 11.06 -20.06 -19.71
C CYS A 406 12.26 -20.23 -20.63
N CYS A 407 13.26 -21.01 -20.18
CA CYS A 407 14.43 -21.28 -21.00
C CYS A 407 14.03 -21.95 -22.30
N GLY A 408 13.23 -23.03 -22.20
CA GLY A 408 12.83 -23.76 -23.38
C GLY A 408 12.04 -22.90 -24.37
N VAL A 409 11.11 -22.09 -23.86
CA VAL A 409 10.32 -21.25 -24.75
C VAL A 409 11.21 -20.17 -25.37
N PHE A 410 12.18 -19.67 -24.62
CA PHE A 410 13.12 -18.71 -25.18
C PHE A 410 13.96 -19.34 -26.30
N LEU A 411 14.41 -20.58 -26.09
CA LEU A 411 15.19 -21.26 -27.12
C LEU A 411 14.37 -21.47 -28.38
N LEU A 412 13.10 -21.86 -28.24
CA LEU A 412 12.24 -22.03 -29.40
C LEU A 412 12.02 -20.70 -30.11
N TRP A 413 11.85 -19.62 -29.34
CA TRP A 413 11.65 -18.30 -29.94
C TRP A 413 12.91 -17.80 -30.62
N ARG A 414 14.06 -17.98 -29.97
CA ARG A 414 15.32 -17.51 -30.51
C ARG A 414 15.69 -18.26 -31.79
N ARG A 415 15.39 -19.55 -31.86
CA ARG A 415 15.66 -20.31 -33.07
C ARG A 415 14.52 -20.20 -34.09
N ARG A 416 13.45 -19.48 -33.77
CA ARG A 416 12.31 -19.23 -34.66
C ARG A 416 11.64 -20.55 -35.06
N ALA A 417 11.17 -21.28 -34.04
CA ALA A 417 10.59 -22.60 -34.26
C ALA A 417 9.29 -22.54 -35.04
N LEU A 418 8.55 -21.44 -34.95
CA LEU A 418 7.27 -21.30 -35.62
C LEU A 418 7.38 -20.71 -37.02
N GLU A 419 8.59 -20.38 -37.46
CA GLU A 419 8.76 -19.79 -38.79
C GLU A 419 9.31 -20.81 -39.79
N GLN B 5 -17.39 -2.13 25.65
CA GLN B 5 -16.55 -1.35 26.55
C GLN B 5 -17.24 -0.07 27.00
N LEU B 6 -18.24 0.37 26.24
CA LEU B 6 -18.99 1.58 26.55
C LEU B 6 -20.49 1.33 26.43
N VAL B 7 -21.25 1.80 27.41
CA VAL B 7 -22.70 1.68 27.42
C VAL B 7 -23.30 3.04 27.77
N GLU B 8 -24.41 3.39 27.12
CA GLU B 8 -25.03 4.69 27.24
C GLU B 8 -26.35 4.59 27.99
N SER B 9 -26.73 5.70 28.62
CA SER B 9 -27.98 5.80 29.34
C SER B 9 -28.48 7.23 29.25
N GLY B 10 -29.80 7.38 29.37
CA GLY B 10 -30.44 8.68 29.26
C GLY B 10 -30.96 8.93 27.85
N GLY B 11 -31.61 10.08 27.70
CA GLY B 11 -32.14 10.48 26.43
C GLY B 11 -33.57 9.99 26.19
N GLY B 12 -34.13 10.45 25.09
CA GLY B 12 -35.50 10.16 24.72
C GLY B 12 -36.15 11.39 24.13
N LEU B 13 -37.47 11.34 24.03
CA LEU B 13 -38.24 12.48 23.52
C LEU B 13 -38.32 13.55 24.60
N VAL B 14 -37.80 14.74 24.30
CA VAL B 14 -37.77 15.84 25.24
C VAL B 14 -38.35 17.08 24.57
N GLN B 15 -39.07 17.89 25.34
CA GLN B 15 -39.62 19.13 24.83
C GLN B 15 -38.49 20.13 24.57
N ALA B 16 -38.63 20.89 23.48
CA ALA B 16 -37.64 21.91 23.15
C ALA B 16 -37.53 22.93 24.28
N GLY B 17 -36.30 23.19 24.72
CA GLY B 17 -36.03 24.07 25.83
C GLY B 17 -35.74 23.35 27.13
N GLY B 18 -36.19 22.11 27.28
CA GLY B 18 -35.95 21.38 28.50
C GLY B 18 -34.54 20.82 28.57
N SER B 19 -34.12 20.50 29.80
CA SER B 19 -32.81 19.96 30.04
C SER B 19 -32.81 18.45 29.84
N LEU B 20 -31.60 17.87 29.73
CA LEU B 20 -31.44 16.44 29.54
C LEU B 20 -30.06 16.04 30.03
N GLY B 21 -29.98 14.86 30.64
CA GLY B 21 -28.70 14.37 31.11
C GLY B 21 -28.35 13.00 30.57
N LEU B 22 -27.29 12.93 29.76
CA LEU B 22 -26.78 11.67 29.26
C LEU B 22 -25.60 11.21 30.11
N SER B 23 -25.46 9.90 30.24
CA SER B 23 -24.36 9.32 30.99
C SER B 23 -23.83 8.10 30.23
N CYS B 24 -22.54 7.84 30.39
CA CYS B 24 -21.88 6.73 29.71
C CYS B 24 -20.96 6.03 30.69
N ALA B 25 -21.13 4.72 30.82
CA ALA B 25 -20.30 3.90 31.70
C ALA B 25 -19.29 3.11 30.89
N ALA B 26 -18.12 2.89 31.47
CA ALA B 26 -17.03 2.18 30.81
C ALA B 26 -16.55 1.02 31.66
N SER B 27 -16.20 -0.08 31.00
CA SER B 27 -15.69 -1.26 31.68
C SER B 27 -14.16 -1.19 31.70
N GLY B 28 -13.49 -2.34 31.87
CA GLY B 28 -12.05 -2.38 31.84
C GLY B 28 -11.39 -2.07 33.17
N ARG B 29 -10.23 -1.41 33.10
CA ARG B 29 -9.46 -1.10 34.30
C ARG B 29 -8.87 0.31 34.18
N THR B 30 -7.91 0.48 33.28
CA THR B 30 -7.31 1.78 33.03
C THR B 30 -8.33 2.69 32.38
N PHE B 31 -8.86 3.63 33.14
CA PHE B 31 -9.86 4.57 32.65
C PHE B 31 -9.39 6.01 32.69
N SER B 32 -8.63 6.39 33.73
CA SER B 32 -8.15 7.75 33.87
C SER B 32 -7.17 8.15 32.78
N ASN B 33 -6.70 7.20 31.97
CA ASN B 33 -5.77 7.50 30.89
C ASN B 33 -6.45 7.61 29.54
N TYR B 34 -7.77 7.39 29.47
CA TYR B 34 -8.50 7.48 28.22
C TYR B 34 -9.14 8.86 28.11
N VAL B 35 -8.94 9.51 26.96
CA VAL B 35 -9.69 10.72 26.67
C VAL B 35 -11.12 10.32 26.32
N MET B 36 -12.08 11.06 26.88
CA MET B 36 -13.49 10.75 26.73
C MET B 36 -14.17 11.82 25.89
N ALA B 37 -15.14 11.41 25.09
CA ALA B 37 -15.78 12.36 24.18
C ALA B 37 -17.21 11.94 23.89
N TRP B 38 -18.00 12.92 23.50
CA TRP B 38 -19.36 12.71 23.00
C TRP B 38 -19.40 13.07 21.52
N PHE B 39 -20.02 12.22 20.72
CA PHE B 39 -20.32 12.51 19.34
C PHE B 39 -21.82 12.33 19.12
N ARG B 40 -22.33 12.92 18.05
CA ARG B 40 -23.73 12.76 17.69
C ARG B 40 -23.86 12.60 16.19
N GLN B 41 -24.91 11.92 15.76
CA GLN B 41 -25.16 11.64 14.35
C GLN B 41 -26.66 11.82 14.09
N ALA B 42 -27.00 12.85 13.33
CA ALA B 42 -28.39 13.12 13.00
C ALA B 42 -28.82 12.34 11.76
N PRO B 43 -30.12 12.06 11.62
CA PRO B 43 -30.58 11.33 10.44
C PRO B 43 -30.34 12.07 9.15
N GLY B 44 -29.43 11.56 8.33
CA GLY B 44 -29.07 12.18 7.06
C GLY B 44 -27.68 12.77 7.03
N LYS B 45 -26.99 12.86 8.16
CA LYS B 45 -25.65 13.41 8.23
C LYS B 45 -24.70 12.37 8.84
N GLU B 46 -23.44 12.78 9.02
CA GLU B 46 -22.40 11.91 9.55
C GLU B 46 -22.13 12.23 11.02
N ARG B 47 -21.25 11.44 11.63
CA ARG B 47 -20.90 11.65 13.04
C ARG B 47 -20.18 12.98 13.20
N GLU B 48 -20.71 13.84 14.06
CA GLU B 48 -20.11 15.13 14.35
C GLU B 48 -19.70 15.19 15.81
N PHE B 49 -18.64 15.93 16.08
CA PHE B 49 -18.14 16.10 17.43
C PHE B 49 -19.10 16.95 18.27
N VAL B 50 -19.20 16.61 19.56
CA VAL B 50 -20.07 17.33 20.49
C VAL B 50 -19.24 17.90 21.63
N ALA B 51 -18.61 17.01 22.40
CA ALA B 51 -17.82 17.44 23.55
C ALA B 51 -16.74 16.40 23.84
N ARG B 52 -15.69 16.84 24.54
CA ARG B 52 -14.58 15.97 24.87
C ARG B 52 -13.97 16.43 26.18
N ILE B 53 -13.67 15.47 27.05
CA ILE B 53 -12.94 15.72 28.28
C ILE B 53 -11.65 14.90 28.24
N SER B 54 -10.56 15.50 28.71
CA SER B 54 -9.26 14.87 28.59
C SER B 54 -9.06 13.85 29.70
N GLU B 55 -7.91 13.19 29.66
CA GLU B 55 -7.57 12.19 30.66
C GLU B 55 -6.63 12.72 31.73
N SER B 56 -6.13 13.95 31.58
CA SER B 56 -5.10 14.46 32.47
C SER B 56 -5.67 15.65 33.23
N ARG B 57 -5.48 16.87 32.75
CA ARG B 57 -5.86 18.07 33.47
C ARG B 57 -7.35 18.31 33.54
N GLY B 58 -8.18 17.39 33.01
CA GLY B 58 -9.60 17.61 32.98
C GLY B 58 -10.07 18.67 31.99
N THR B 59 -9.27 18.95 30.97
CA THR B 59 -9.65 19.97 29.99
C THR B 59 -10.86 19.50 29.19
N THR B 60 -11.61 20.48 28.69
CA THR B 60 -12.84 20.20 27.95
C THR B 60 -12.79 20.90 26.61
N ASP B 61 -13.50 20.32 25.65
CA ASP B 61 -13.65 20.89 24.31
C ASP B 61 -15.10 20.71 23.89
N TYR B 62 -15.65 21.72 23.23
CA TYR B 62 -17.05 21.72 22.81
C TYR B 62 -17.16 22.24 21.40
N ALA B 63 -18.02 21.60 20.60
CA ALA B 63 -18.41 22.18 19.31
C ALA B 63 -19.11 23.51 19.55
N ASP B 64 -18.92 24.44 18.61
CA ASP B 64 -19.47 25.78 18.75
C ASP B 64 -21.00 25.77 18.84
N SER B 65 -21.65 24.71 18.38
CA SER B 65 -23.11 24.65 18.43
C SER B 65 -23.63 24.32 19.81
N VAL B 66 -22.81 23.72 20.67
CA VAL B 66 -23.24 23.32 22.00
C VAL B 66 -22.49 24.05 23.10
N LYS B 67 -21.56 24.94 22.76
CA LYS B 67 -20.83 25.68 23.79
C LYS B 67 -21.77 26.60 24.55
N GLY B 68 -21.64 26.60 25.87
CA GLY B 68 -22.53 27.32 26.74
C GLY B 68 -23.82 26.59 27.06
N ARG B 69 -24.30 25.76 26.14
CA ARG B 69 -25.51 24.98 26.36
C ARG B 69 -25.21 23.59 26.93
N PHE B 70 -24.17 22.94 26.43
CA PHE B 70 -23.81 21.60 26.84
C PHE B 70 -22.57 21.64 27.72
N THR B 71 -22.52 20.73 28.70
CA THR B 71 -21.37 20.62 29.59
C THR B 71 -21.04 19.16 29.79
N ILE B 72 -19.79 18.80 29.50
CA ILE B 72 -19.31 17.43 29.69
C ILE B 72 -18.48 17.37 30.96
N SER B 73 -18.61 16.27 31.70
CA SER B 73 -17.87 16.05 32.93
C SER B 73 -17.57 14.56 33.05
N ARG B 74 -16.62 14.24 33.92
CA ARG B 74 -16.23 12.86 34.13
C ARG B 74 -16.00 12.60 35.61
N ASP B 75 -16.16 11.34 36.00
CA ASP B 75 -15.89 10.90 37.37
C ASP B 75 -15.05 9.63 37.29
N ASN B 76 -13.76 9.75 37.59
CA ASN B 76 -12.86 8.60 37.56
C ASN B 76 -13.07 7.64 38.72
N ALA B 77 -13.92 7.99 39.68
CA ALA B 77 -14.22 7.07 40.77
C ALA B 77 -15.11 5.92 40.30
N LYS B 78 -16.13 6.23 39.49
CA LYS B 78 -17.03 5.23 38.95
C LYS B 78 -16.79 4.96 37.47
N ASN B 79 -15.79 5.61 36.86
CA ASN B 79 -15.48 5.44 35.45
C ASN B 79 -16.68 5.76 34.56
N THR B 80 -17.30 6.91 34.83
CA THR B 80 -18.43 7.37 34.04
C THR B 80 -18.17 8.80 33.58
N ILE B 81 -18.84 9.17 32.49
CA ILE B 81 -18.81 10.53 31.96
C ILE B 81 -20.24 10.96 31.68
N TYR B 82 -20.48 12.26 31.77
CA TYR B 82 -21.82 12.80 31.67
C TYR B 82 -21.85 13.93 30.65
N LEU B 83 -23.05 14.18 30.13
CA LEU B 83 -23.30 15.32 29.25
C LEU B 83 -24.61 15.97 29.66
N GLN B 84 -24.52 17.16 30.24
CA GLN B 84 -25.68 17.98 30.54
C GLN B 84 -26.03 18.82 29.32
N MET B 85 -27.29 18.75 28.90
CA MET B 85 -27.75 19.45 27.69
C MET B 85 -28.92 20.37 28.04
N ASN B 86 -28.64 21.67 28.10
CA ASN B 86 -29.66 22.68 28.35
C ASN B 86 -29.97 23.45 27.08
N SER B 87 -31.16 24.06 27.06
CA SER B 87 -31.63 24.86 25.93
C SER B 87 -31.63 24.04 24.64
N LEU B 88 -32.31 22.90 24.68
CA LEU B 88 -32.30 21.97 23.56
C LEU B 88 -33.16 22.52 22.43
N ASN B 89 -32.56 22.70 21.26
CA ASN B 89 -33.25 23.11 20.05
C ASN B 89 -33.44 21.91 19.14
N PRO B 90 -34.37 22.00 18.17
CA PRO B 90 -34.61 20.84 17.29
C PRO B 90 -33.38 20.36 16.54
N GLY B 91 -32.38 21.21 16.32
CA GLY B 91 -31.16 20.77 15.66
C GLY B 91 -30.32 19.80 16.47
N ASP B 92 -30.66 19.59 17.74
CA ASP B 92 -29.91 18.66 18.59
C ASP B 92 -30.43 17.23 18.50
N THR B 93 -31.49 16.98 17.75
CA THR B 93 -32.02 15.64 17.60
C THR B 93 -31.03 14.78 16.84
N ALA B 94 -30.51 13.74 17.50
CA ALA B 94 -29.54 12.85 16.90
C ALA B 94 -29.35 11.64 17.81
N VAL B 95 -28.59 10.67 17.31
CA VAL B 95 -28.11 9.56 18.12
C VAL B 95 -26.79 9.99 18.73
N TYR B 96 -26.70 9.93 20.05
CA TYR B 96 -25.52 10.38 20.78
C TYR B 96 -24.69 9.17 21.20
N SER B 97 -23.38 9.25 20.98
CA SER B 97 -22.48 8.15 21.28
C SER B 97 -21.28 8.68 22.05
N CYS B 98 -20.89 7.96 23.11
CA CYS B 98 -19.65 8.26 23.81
C CYS B 98 -18.52 7.45 23.19
N ALA B 99 -17.31 8.03 23.25
CA ALA B 99 -16.15 7.40 22.63
C ALA B 99 -14.95 7.49 23.57
N ALA B 100 -14.09 6.49 23.48
CA ALA B 100 -12.89 6.42 24.29
C ALA B 100 -11.68 6.13 23.41
N THR B 101 -10.56 6.75 23.73
CA THR B 101 -9.32 6.49 23.03
C THR B 101 -8.16 7.04 23.86
N LEU B 102 -6.96 6.61 23.51
CA LEU B 102 -5.74 7.06 24.17
C LEU B 102 -5.29 8.40 23.57
N PRO B 103 -4.60 9.23 24.36
CA PRO B 103 -4.21 10.56 23.86
C PRO B 103 -3.29 10.51 22.65
N ALA B 104 -2.58 9.41 22.43
CA ALA B 104 -1.77 9.28 21.22
C ALA B 104 -2.63 9.17 19.97
N TRP B 105 -3.88 8.73 20.12
CA TRP B 105 -4.77 8.64 18.97
C TRP B 105 -5.34 10.00 18.56
N THR B 106 -5.42 10.94 19.50
CA THR B 106 -5.96 12.26 19.20
C THR B 106 -4.88 13.24 18.76
N GLY B 107 -3.66 13.09 19.24
CA GLY B 107 -2.63 14.04 18.87
C GLY B 107 -2.91 15.41 19.46
N ILE B 108 -2.39 16.43 18.78
CA ILE B 108 -2.48 17.80 19.28
C ILE B 108 -3.78 18.46 18.83
N ILE B 109 -4.26 18.16 17.63
CA ILE B 109 -5.42 18.87 17.10
C ILE B 109 -6.43 17.91 16.49
N GLY B 110 -6.29 16.62 16.78
CA GLY B 110 -7.19 15.64 16.18
C GLY B 110 -8.25 15.13 17.13
N GLY B 111 -8.48 15.85 18.23
CA GLY B 111 -9.43 15.42 19.23
C GLY B 111 -10.88 15.44 18.80
N ARG B 112 -11.18 16.09 17.68
CA ARG B 112 -12.54 16.23 17.18
C ARG B 112 -12.92 15.19 16.13
N ARG B 113 -11.96 14.39 15.67
CA ARG B 113 -12.21 13.43 14.59
C ARG B 113 -12.72 12.11 15.17
N PRO B 114 -13.90 11.65 14.79
CA PRO B 114 -14.41 10.39 15.36
C PRO B 114 -13.59 9.18 14.98
N GLY B 115 -12.87 9.23 13.86
CA GLY B 115 -11.99 8.13 13.49
C GLY B 115 -10.79 7.96 14.39
N ASN B 116 -10.52 8.93 15.26
CA ASN B 116 -9.47 8.81 16.26
C ASN B 116 -9.92 8.14 17.54
N TYR B 117 -11.15 7.64 17.58
CA TYR B 117 -11.68 6.91 18.74
C TYR B 117 -12.11 5.52 18.29
N PRO B 118 -11.35 4.47 18.61
CA PRO B 118 -11.73 3.12 18.17
C PRO B 118 -12.79 2.47 19.04
N TYR B 119 -13.05 2.99 20.24
CA TYR B 119 -14.00 2.39 21.17
C TYR B 119 -15.25 3.26 21.25
N TRP B 120 -16.41 2.63 21.04
CA TRP B 120 -17.67 3.35 20.90
C TRP B 120 -18.73 2.69 21.77
N GLY B 121 -19.79 3.46 22.05
CA GLY B 121 -20.99 2.93 22.65
C GLY B 121 -22.05 2.64 21.60
N GLN B 122 -23.16 2.07 22.07
CA GLN B 122 -24.24 1.71 21.17
C GLN B 122 -25.01 2.92 20.66
N GLY B 123 -24.97 4.04 21.38
CA GLY B 123 -25.73 5.22 20.99
C GLY B 123 -27.11 5.27 21.60
N THR B 124 -27.47 6.43 22.15
CA THR B 124 -28.81 6.66 22.69
C THR B 124 -29.49 7.76 21.91
N GLN B 125 -30.79 7.58 21.66
CA GLN B 125 -31.55 8.52 20.86
C GLN B 125 -31.99 9.72 21.68
N VAL B 126 -31.84 10.90 21.11
CA VAL B 126 -32.31 12.16 21.69
C VAL B 126 -33.17 12.85 20.64
N THR B 127 -34.45 13.04 20.94
CA THR B 127 -35.38 13.69 20.02
C THR B 127 -35.95 14.93 20.70
N VAL B 128 -35.64 16.09 20.13
CA VAL B 128 -36.12 17.36 20.66
C VAL B 128 -37.33 17.78 19.86
N SER B 129 -38.51 17.69 20.46
CA SER B 129 -39.76 18.04 19.80
C SER B 129 -39.80 19.51 19.41
#